data_4AXK
#
_entry.id   4AXK
#
_cell.length_a   69.460
_cell.length_b   78.840
_cell.length_c   92.430
_cell.angle_alpha   90.00
_cell.angle_beta   90.00
_cell.angle_gamma   90.00
#
_symmetry.space_group_name_H-M   'P 21 21 21'
#
loop_
_entity.id
_entity.type
_entity.pdbx_description
1 polymer "1-(5-PHOSPHORIBOSYL)-5-((5'-PHOSPHORIBOSYLAMINO) METHYLIDENEAMINO)IMIDAZOLE-4-CARBOXAMIDE ISOMERASE"
2 non-polymer GLYCEROL
3 water water
#
_entity_poly.entity_id   1
_entity_poly.type   'polypeptide(L)'
_entity_poly.pdbx_seq_one_letter_code
;MTFTILPAVDVVNGQAVRLDQGEAGTEKSYGTPLESALRWQEQGAEWLHFVDLDAAFNRGSNHELMAEITRQLDIKVELT
GGIRDDASLERALATGATRVNIGTAALEKPEWIADVIRRHGEKIAVDIAVRLENGEWRTKGNGWVSDGGDLWEVLERLDS
QGCSRFVVTDVSKDGTLTGPNVDLLRDVAAATDAPIVASGGISTLEDVLGLAKYQDEGIDSVIIGKALYEHRFTLAEALE
AVEKLGKLAA
;
_entity_poly.pdbx_strand_id   A,B
#
loop_
_chem_comp.id
_chem_comp.type
_chem_comp.name
_chem_comp.formula
GOL non-polymer GLYCEROL 'C3 H8 O3'
#
# COMPACT_ATOMS: atom_id res chain seq x y z
N THR A 2 -22.99 -1.75 -15.41
CA THR A 2 -22.97 -2.95 -14.52
C THR A 2 -23.79 -4.18 -14.89
N PHE A 3 -24.09 -4.34 -16.17
CA PHE A 3 -24.12 -5.62 -16.91
C PHE A 3 -23.32 -6.74 -16.14
N THR A 4 -22.01 -6.57 -15.96
CA THR A 4 -21.27 -7.56 -15.14
C THR A 4 -20.57 -7.08 -13.83
N ILE A 5 -20.69 -7.89 -12.78
CA ILE A 5 -20.12 -7.58 -11.48
C ILE A 5 -18.88 -8.45 -11.17
N LEU A 6 -17.80 -7.80 -10.75
CA LEU A 6 -16.52 -8.44 -10.43
C LEU A 6 -16.14 -8.26 -8.95
N PRO A 7 -16.20 -9.33 -8.16
CA PRO A 7 -15.72 -9.21 -6.79
C PRO A 7 -14.18 -9.10 -6.76
N ALA A 8 -13.67 -8.28 -5.85
CA ALA A 8 -12.23 -7.99 -5.70
C ALA A 8 -11.59 -8.95 -4.69
N VAL A 9 -10.41 -9.43 -5.06
CA VAL A 9 -9.54 -10.24 -4.19
C VAL A 9 -8.06 -9.70 -4.11
N ASP A 10 -7.69 -9.16 -2.94
CA ASP A 10 -6.42 -8.46 -2.76
C ASP A 10 -5.52 -9.52 -2.18
N VAL A 11 -4.44 -9.88 -2.90
CA VAL A 11 -3.55 -10.96 -2.48
C VAL A 11 -2.27 -10.37 -1.91
N VAL A 12 -1.83 -10.91 -0.77
CA VAL A 12 -0.55 -10.58 -0.15
C VAL A 12 0.01 -11.85 0.49
N ASN A 13 1.32 -12.10 0.32
CA ASN A 13 1.97 -13.27 0.89
C ASN A 13 1.16 -14.53 0.64
N GLY A 14 0.59 -14.66 -0.55
CA GLY A 14 -0.24 -15.82 -0.82
C GLY A 14 -1.60 -15.90 -0.14
N GLN A 15 -2.08 -14.82 0.46
CA GLN A 15 -3.36 -14.88 1.14
C GLN A 15 -4.32 -13.77 0.75
N ALA A 16 -5.61 -14.02 0.94
CA ALA A 16 -6.65 -13.02 0.72
C ALA A 16 -7.67 -13.07 1.85
N VAL A 17 -8.42 -11.97 1.97
CA VAL A 17 -9.45 -11.80 3.01
C VAL A 17 -10.54 -12.87 2.83
N ARG A 18 -10.86 -13.56 3.91
CA ARG A 18 -11.90 -14.57 3.88
C ARG A 18 -13.25 -13.86 3.97
N LEU A 19 -14.17 -14.23 3.10
CA LEU A 19 -15.57 -13.90 3.32
C LEU A 19 -16.02 -14.73 4.53
N ASP A 20 -16.21 -14.06 5.67
CA ASP A 20 -16.53 -14.73 6.95
C ASP A 20 -17.95 -15.35 7.01
N GLN A 21 -18.65 -15.04 8.10
CA GLN A 21 -20.10 -15.20 8.25
C GLN A 21 -20.64 -13.87 8.82
N SER A 29 -10.22 -12.44 9.26
CA SER A 29 -9.25 -13.53 8.99
C SER A 29 -9.04 -13.81 7.49
N TYR A 30 -8.05 -14.65 7.20
CA TYR A 30 -7.46 -14.73 5.87
C TYR A 30 -7.27 -16.19 5.41
N GLY A 31 -7.48 -16.46 4.15
CA GLY A 31 -7.14 -17.77 3.64
C GLY A 31 -6.52 -17.67 2.26
N THR A 32 -6.65 -18.75 1.51
CA THR A 32 -6.04 -18.82 0.19
C THR A 32 -6.94 -18.09 -0.82
N PRO A 33 -6.33 -17.53 -1.88
CA PRO A 33 -7.07 -16.93 -2.99
C PRO A 33 -8.05 -17.93 -3.64
N LEU A 34 -7.59 -19.19 -3.75
CA LEU A 34 -8.41 -20.26 -4.32
C LEU A 34 -9.72 -20.39 -3.56
N GLU A 35 -9.62 -20.40 -2.24
CA GLU A 35 -10.80 -20.55 -1.42
C GLU A 35 -11.74 -19.41 -1.70
N SER A 36 -11.20 -18.18 -1.69
CA SER A 36 -11.99 -16.98 -2.01
C SER A 36 -12.68 -17.14 -3.35
N ALA A 37 -11.91 -17.47 -4.38
CA ALA A 37 -12.43 -17.69 -5.72
C ALA A 37 -13.55 -18.74 -5.73
N LEU A 38 -13.35 -19.87 -5.05
CA LEU A 38 -14.36 -20.92 -4.97
C LEU A 38 -15.58 -20.40 -4.27
N ARG A 39 -15.36 -19.67 -3.17
CA ARG A 39 -16.47 -19.13 -2.43
C ARG A 39 -17.25 -18.11 -3.29
N TRP A 40 -16.57 -17.34 -4.14
CA TRP A 40 -17.24 -16.37 -5.04
C TRP A 40 -17.92 -17.00 -6.26
N GLN A 41 -17.32 -18.08 -6.77
CA GLN A 41 -17.88 -18.83 -7.89
C GLN A 41 -19.16 -19.51 -7.46
N GLU A 42 -19.17 -20.07 -6.26
CA GLU A 42 -20.42 -20.59 -5.70
C GLU A 42 -21.59 -19.65 -5.95
N GLN A 43 -21.35 -18.34 -5.85
CA GLN A 43 -22.45 -17.35 -5.78
C GLN A 43 -22.85 -16.71 -7.06
N GLY A 44 -22.46 -17.33 -8.17
CA GLY A 44 -22.74 -16.78 -9.47
C GLY A 44 -21.58 -16.01 -10.05
N ALA A 45 -20.45 -15.90 -9.33
CA ALA A 45 -19.32 -15.12 -9.89
C ALA A 45 -18.85 -15.71 -11.21
N GLU A 46 -18.87 -14.91 -12.28
CA GLU A 46 -18.33 -15.30 -13.56
C GLU A 46 -16.94 -14.64 -13.87
N TRP A 47 -16.59 -13.61 -13.10
CA TRP A 47 -15.32 -12.88 -13.32
C TRP A 47 -14.82 -12.60 -11.93
N LEU A 48 -13.51 -12.63 -11.74
CA LEU A 48 -12.92 -12.19 -10.50
C LEU A 48 -11.87 -11.16 -10.77
N HIS A 49 -11.79 -10.18 -9.88
CA HIS A 49 -10.78 -9.16 -9.99
C HIS A 49 -9.69 -9.41 -8.95
N PHE A 50 -8.47 -9.70 -9.40
CA PHE A 50 -7.38 -9.99 -8.48
C PHE A 50 -6.35 -8.91 -8.46
N VAL A 51 -6.02 -8.45 -7.25
CA VAL A 51 -4.98 -7.45 -7.09
C VAL A 51 -3.77 -8.18 -6.53
N ASP A 52 -2.63 -8.07 -7.21
CA ASP A 52 -1.39 -8.58 -6.61
C ASP A 52 -0.72 -7.48 -5.77
N LEU A 53 -1.09 -7.39 -4.48
CA LEU A 53 -0.60 -6.28 -3.69
C LEU A 53 0.92 -6.24 -3.51
N ASP A 54 1.56 -7.43 -3.40
CA ASP A 54 3.02 -7.55 -3.32
C ASP A 54 3.74 -6.98 -4.56
N ALA A 55 3.22 -7.26 -5.75
CA ALA A 55 3.78 -6.67 -6.96
C ALA A 55 3.47 -5.17 -7.05
N ALA A 56 2.24 -4.76 -6.73
CA ALA A 56 1.90 -3.34 -6.73
C ALA A 56 2.81 -2.52 -5.81
N PHE A 57 3.24 -3.09 -4.69
CA PHE A 57 4.14 -2.39 -3.77
C PHE A 57 5.57 -2.92 -3.73
N ASN A 58 6.04 -3.53 -4.82
CA ASN A 58 7.44 -3.99 -4.92
C ASN A 58 7.93 -4.96 -3.83
N ARG A 59 7.00 -5.64 -3.15
CA ARG A 59 7.40 -6.50 -2.00
C ARG A 59 7.65 -7.92 -2.44
N GLY A 60 7.18 -8.28 -3.61
CA GLY A 60 7.34 -9.65 -4.10
C GLY A 60 6.43 -9.85 -5.30
N SER A 61 5.98 -11.09 -5.51
CA SER A 61 5.01 -11.40 -6.55
C SER A 61 4.21 -12.69 -6.19
N ASN A 62 2.94 -12.77 -6.61
CA ASN A 62 2.12 -13.95 -6.34
C ASN A 62 1.69 -14.63 -7.66
N HIS A 63 2.56 -14.52 -8.67
CA HIS A 63 2.17 -14.93 -10.02
C HIS A 63 1.87 -16.42 -10.11
N GLU A 64 2.64 -17.24 -9.38
CA GLU A 64 2.49 -18.69 -9.49
C GLU A 64 1.26 -19.19 -8.83
N LEU A 65 0.84 -18.53 -7.76
CA LEU A 65 -0.48 -18.81 -7.17
C LEU A 65 -1.63 -18.40 -8.08
N MET A 66 -1.46 -17.28 -8.78
CA MET A 66 -2.46 -16.88 -9.78
C MET A 66 -2.57 -17.96 -10.88
N ALA A 67 -1.41 -18.43 -11.37
CA ALA A 67 -1.41 -19.39 -12.48
C ALA A 67 -2.08 -20.65 -12.00
N GLU A 68 -1.99 -20.95 -10.71
CA GLU A 68 -2.65 -22.12 -10.15
C GLU A 68 -4.14 -21.94 -10.16
N ILE A 69 -4.60 -20.73 -9.88
CA ILE A 69 -6.03 -20.45 -9.91
C ILE A 69 -6.63 -20.59 -11.30
N THR A 70 -5.93 -20.05 -12.31
CA THR A 70 -6.45 -20.18 -13.67
C THR A 70 -6.35 -21.62 -14.17
N ARG A 71 -5.28 -22.32 -13.79
CA ARG A 71 -5.19 -23.76 -14.05
C ARG A 71 -6.38 -24.51 -13.45
N GLN A 72 -6.65 -24.31 -12.14
CA GLN A 72 -7.64 -25.12 -11.44
C GLN A 72 -9.13 -24.77 -11.67
N LEU A 73 -9.40 -23.51 -12.02
CA LEU A 73 -10.80 -23.05 -12.15
C LEU A 73 -11.09 -22.52 -13.55
N ASP A 74 -12.32 -22.67 -14.00
CA ASP A 74 -12.69 -22.17 -15.33
C ASP A 74 -13.49 -20.87 -15.13
N ILE A 75 -12.85 -19.84 -14.58
CA ILE A 75 -13.50 -18.53 -14.31
C ILE A 75 -12.67 -17.46 -14.96
N LYS A 76 -13.30 -16.41 -15.46
CA LYS A 76 -12.54 -15.30 -16.06
C LYS A 76 -11.84 -14.49 -14.95
N VAL A 77 -10.57 -14.14 -15.16
CA VAL A 77 -9.77 -13.47 -14.13
C VAL A 77 -9.25 -12.15 -14.71
N GLU A 78 -9.60 -11.03 -14.06
CA GLU A 78 -8.90 -9.77 -14.34
C GLU A 78 -7.78 -9.64 -13.30
N LEU A 79 -6.58 -9.31 -13.75
CA LEU A 79 -5.44 -9.26 -12.86
C LEU A 79 -4.72 -7.94 -12.90
N THR A 80 -4.50 -7.36 -11.74
CA THR A 80 -3.80 -6.09 -11.70
C THR A 80 -2.75 -6.08 -10.59
N GLY A 81 -1.84 -5.09 -10.65
CA GLY A 81 -0.88 -4.87 -9.57
C GLY A 81 0.56 -4.96 -10.05
N GLY A 82 1.20 -3.79 -10.18
CA GLY A 82 2.61 -3.70 -10.57
C GLY A 82 2.99 -3.95 -12.03
N ILE A 83 2.03 -3.80 -12.94
CA ILE A 83 2.28 -4.10 -14.35
C ILE A 83 2.80 -2.81 -14.96
N ARG A 84 4.10 -2.79 -15.29
CA ARG A 84 4.75 -1.49 -15.53
C ARG A 84 5.83 -1.49 -16.59
N ASP A 85 6.22 -2.67 -17.03
CA ASP A 85 7.22 -2.82 -18.07
C ASP A 85 6.89 -4.12 -18.76
N ASP A 86 7.70 -4.50 -19.74
CA ASP A 86 7.50 -5.72 -20.50
C ASP A 86 7.68 -7.00 -19.69
N ALA A 87 8.59 -6.95 -18.72
CA ALA A 87 8.90 -8.10 -17.85
C ALA A 87 7.71 -8.38 -16.96
N SER A 88 7.19 -7.35 -16.29
CA SER A 88 5.98 -7.53 -15.45
C SER A 88 4.76 -7.92 -16.25
N LEU A 89 4.58 -7.31 -17.42
CA LEU A 89 3.41 -7.66 -18.29
C LEU A 89 3.38 -9.11 -18.72
N GLU A 90 4.56 -9.61 -19.10
CA GLU A 90 4.78 -10.99 -19.46
C GLU A 90 4.35 -11.94 -18.36
N ARG A 91 4.89 -11.70 -17.18
CA ARG A 91 4.63 -12.49 -15.97
C ARG A 91 3.16 -12.39 -15.56
N ALA A 92 2.55 -11.21 -15.74
CA ALA A 92 1.08 -11.08 -15.63
C ALA A 92 0.36 -11.97 -16.62
N LEU A 93 0.74 -11.93 -17.89
CA LEU A 93 0.11 -12.76 -18.94
C LEU A 93 0.31 -14.27 -18.74
N ALA A 94 1.52 -14.64 -18.34
CA ALA A 94 1.92 -16.04 -18.06
C ALA A 94 1.07 -16.75 -17.00
N THR A 95 0.34 -15.93 -16.25
CA THR A 95 -0.56 -16.36 -15.22
C THR A 95 -1.83 -17.06 -15.75
N GLY A 96 -2.14 -16.82 -17.03
CA GLY A 96 -3.40 -17.25 -17.63
C GLY A 96 -4.55 -16.24 -17.43
N ALA A 97 -4.25 -15.05 -16.89
CA ALA A 97 -5.29 -14.02 -16.67
C ALA A 97 -6.07 -13.80 -17.96
N THR A 98 -7.40 -13.83 -17.93
CA THR A 98 -8.20 -13.41 -19.08
C THR A 98 -7.87 -11.97 -19.51
N ARG A 99 -7.67 -11.08 -18.53
CA ARG A 99 -7.44 -9.68 -18.79
C ARG A 99 -6.52 -9.16 -17.70
N VAL A 100 -5.78 -8.13 -18.03
CA VAL A 100 -4.79 -7.55 -17.17
C VAL A 100 -5.08 -6.03 -17.17
N ASN A 101 -4.86 -5.37 -16.04
CA ASN A 101 -5.02 -3.90 -15.96
C ASN A 101 -3.68 -3.22 -15.71
N ILE A 102 -3.45 -2.12 -16.41
CA ILE A 102 -2.26 -1.31 -16.25
C ILE A 102 -2.70 0.08 -15.77
N GLY A 103 -2.11 0.52 -14.67
CA GLY A 103 -2.50 1.77 -14.04
C GLY A 103 -1.57 2.91 -14.40
N THR A 104 -0.94 3.47 -13.38
CA THR A 104 -0.01 4.60 -13.47
C THR A 104 1.03 4.54 -14.62
N ALA A 105 1.65 3.38 -14.78
CA ALA A 105 2.66 3.15 -15.83
C ALA A 105 2.19 3.54 -17.22
N ALA A 106 0.87 3.40 -17.47
CA ALA A 106 0.26 3.71 -18.76
C ALA A 106 0.34 5.19 -19.10
N LEU A 107 0.27 6.04 -18.09
CA LEU A 107 0.30 7.50 -18.29
C LEU A 107 1.73 7.99 -18.41
N GLU A 108 2.63 7.27 -17.74
CA GLU A 108 4.04 7.61 -17.67
C GLU A 108 4.82 6.99 -18.82
N LYS A 109 4.18 6.11 -19.59
CA LYS A 109 4.86 5.47 -20.72
C LYS A 109 3.92 5.39 -21.93
N PRO A 110 3.58 6.55 -22.52
CA PRO A 110 2.54 6.61 -23.57
C PRO A 110 2.90 5.75 -24.76
N GLU A 111 4.19 5.68 -25.11
CA GLU A 111 4.59 4.86 -26.25
C GLU A 111 4.62 3.40 -25.90
N TRP A 112 5.06 3.11 -24.68
CA TRP A 112 5.08 1.72 -24.25
C TRP A 112 3.64 1.16 -24.25
N ILE A 113 2.69 1.93 -23.69
CA ILE A 113 1.30 1.49 -23.64
C ILE A 113 0.64 1.31 -25.03
N ALA A 114 0.99 2.14 -26.00
CA ALA A 114 0.48 1.98 -27.37
C ALA A 114 1.00 0.68 -27.93
N ASP A 115 2.31 0.53 -27.80
CA ASP A 115 2.98 -0.69 -28.17
C ASP A 115 2.25 -1.90 -27.57
N VAL A 116 1.91 -1.89 -26.27
CA VAL A 116 1.27 -3.10 -25.67
C VAL A 116 -0.16 -3.31 -26.12
N ILE A 117 -0.89 -2.21 -26.29
CA ILE A 117 -2.27 -2.28 -26.81
C ILE A 117 -2.24 -2.93 -28.20
N ARG A 118 -1.34 -2.45 -29.04
CA ARG A 118 -1.06 -3.06 -30.36
C ARG A 118 -0.86 -4.56 -30.32
N ARG A 119 0.01 -5.08 -29.45
CA ARG A 119 0.23 -6.54 -29.34
C ARG A 119 -0.90 -7.33 -28.66
N HIS A 120 -1.56 -6.71 -27.70
CA HIS A 120 -2.42 -7.49 -26.81
C HIS A 120 -3.91 -7.24 -26.93
N GLY A 121 -4.31 -6.07 -27.45
CA GLY A 121 -5.72 -5.76 -27.68
C GLY A 121 -6.56 -5.95 -26.43
N GLU A 122 -7.54 -6.84 -26.52
CA GLU A 122 -8.56 -7.02 -25.49
C GLU A 122 -8.06 -7.58 -24.14
N LYS A 123 -6.79 -7.97 -24.09
CA LYS A 123 -6.19 -8.45 -22.84
C LYS A 123 -5.83 -7.29 -21.97
N ILE A 124 -5.85 -6.10 -22.55
CA ILE A 124 -5.46 -4.87 -21.85
C ILE A 124 -6.62 -3.92 -21.51
N ALA A 125 -6.78 -3.65 -20.21
CA ALA A 125 -7.57 -2.53 -19.76
C ALA A 125 -6.63 -1.50 -19.11
N VAL A 126 -6.93 -0.22 -19.27
CA VAL A 126 -6.16 0.80 -18.58
C VAL A 126 -6.95 1.36 -17.40
N ASP A 127 -6.31 1.35 -16.23
CA ASP A 127 -6.92 1.73 -14.97
C ASP A 127 -6.61 3.19 -14.70
N ILE A 128 -7.62 4.03 -14.73
CA ILE A 128 -7.39 5.46 -14.53
C ILE A 128 -8.06 5.94 -13.24
N ALA A 129 -7.22 6.41 -12.34
CA ALA A 129 -7.62 6.93 -11.05
C ALA A 129 -7.72 8.43 -11.26
N VAL A 130 -8.87 9.00 -10.93
CA VAL A 130 -9.01 10.45 -11.07
C VAL A 130 -9.35 11.16 -9.77
N ARG A 131 -8.93 12.43 -9.72
CA ARG A 131 -9.21 13.31 -8.60
C ARG A 131 -9.78 14.61 -9.19
N LEU A 132 -10.89 15.08 -8.65
CA LEU A 132 -11.37 16.40 -9.02
C LEU A 132 -10.60 17.45 -8.23
N GLU A 133 -9.99 18.38 -8.94
CA GLU A 133 -9.34 19.50 -8.27
C GLU A 133 -9.54 20.82 -9.01
N ASN A 134 -9.93 21.84 -8.24
CA ASN A 134 -10.26 23.16 -8.76
C ASN A 134 -11.11 23.10 -10.02
N GLY A 135 -12.20 22.34 -9.91
CA GLY A 135 -13.16 22.16 -11.01
C GLY A 135 -12.70 21.35 -12.22
N GLU A 136 -11.47 20.84 -12.21
CA GLU A 136 -11.00 20.02 -13.32
C GLU A 136 -10.64 18.59 -12.89
N TRP A 137 -11.05 17.61 -13.70
CA TRP A 137 -10.73 16.19 -13.45
C TRP A 137 -9.32 15.88 -13.90
N ARG A 138 -8.47 15.55 -12.93
CA ARG A 138 -7.05 15.33 -13.18
C ARG A 138 -6.71 13.88 -12.87
N THR A 139 -6.00 13.25 -13.80
CA THR A 139 -5.65 11.87 -13.59
C THR A 139 -4.68 11.89 -12.45
N LYS A 140 -5.17 11.37 -11.33
CA LYS A 140 -4.35 11.17 -10.15
C LYS A 140 -3.35 10.07 -10.57
N GLY A 141 -2.36 10.50 -11.37
CA GLY A 141 -1.23 9.68 -11.79
C GLY A 141 -0.05 9.90 -10.86
N ASN A 142 1.17 9.67 -11.36
CA ASN A 142 2.38 9.73 -10.51
C ASN A 142 3.41 10.78 -10.95
N ASP A 147 2.18 14.99 -12.32
CA ASP A 147 1.06 14.04 -12.38
C ASP A 147 1.05 13.12 -13.63
N GLY A 148 -0.15 12.92 -14.17
CA GLY A 148 -0.38 12.12 -15.37
C GLY A 148 -1.18 12.91 -16.40
N GLY A 149 -1.76 14.03 -15.96
CA GLY A 149 -2.39 14.96 -16.87
C GLY A 149 -3.87 15.22 -16.67
N ASP A 150 -4.44 15.82 -17.71
CA ASP A 150 -5.88 16.08 -17.81
C ASP A 150 -6.60 14.79 -18.20
N LEU A 151 -7.71 14.52 -17.54
CA LEU A 151 -8.41 13.26 -17.78
C LEU A 151 -8.86 13.08 -19.23
N TRP A 152 -9.40 14.16 -19.81
CA TRP A 152 -10.03 14.16 -21.13
C TRP A 152 -9.05 14.04 -22.29
N GLU A 153 -7.87 14.62 -22.14
CA GLU A 153 -6.77 14.46 -23.11
C GLU A 153 -6.23 13.02 -23.05
N VAL A 154 -6.00 12.53 -21.82
CA VAL A 154 -5.56 11.16 -21.58
C VAL A 154 -6.49 10.15 -22.26
N LEU A 155 -7.79 10.34 -22.07
CA LEU A 155 -8.79 9.47 -22.66
C LEU A 155 -8.76 9.46 -24.18
N GLU A 156 -8.75 10.64 -24.78
CA GLU A 156 -8.69 10.82 -26.21
C GLU A 156 -7.45 10.12 -26.81
N ARG A 157 -6.27 10.35 -26.21
CA ARG A 157 -5.03 9.70 -26.66
C ARG A 157 -5.18 8.19 -26.58
N LEU A 158 -5.52 7.69 -25.40
CA LEU A 158 -5.70 6.24 -25.23
C LEU A 158 -6.73 5.63 -26.18
N ASP A 159 -7.90 6.27 -26.28
CA ASP A 159 -8.90 5.86 -27.25
C ASP A 159 -8.33 5.75 -28.68
N SER A 160 -7.57 6.77 -29.08
CA SER A 160 -6.98 6.85 -30.42
C SER A 160 -5.94 5.78 -30.66
N GLN A 161 -5.33 5.29 -29.59
CA GLN A 161 -4.36 4.21 -29.65
C GLN A 161 -5.01 2.84 -29.61
N GLY A 162 -6.32 2.79 -29.63
CA GLY A 162 -7.05 1.51 -29.69
C GLY A 162 -7.36 0.80 -28.38
N CYS A 163 -7.23 1.49 -27.23
CA CYS A 163 -7.55 0.90 -25.93
C CYS A 163 -8.95 0.33 -25.91
N SER A 164 -9.09 -0.94 -25.52
CA SER A 164 -10.37 -1.66 -25.56
C SER A 164 -11.30 -1.44 -24.36
N ARG A 165 -10.79 -0.91 -23.25
CA ARG A 165 -11.48 -0.95 -21.97
C ARG A 165 -10.82 -0.04 -20.93
N PHE A 166 -11.62 0.75 -20.21
CA PHE A 166 -11.08 1.56 -19.11
C PHE A 166 -11.69 1.19 -17.79
N VAL A 167 -10.87 1.27 -16.76
CA VAL A 167 -11.30 1.14 -15.36
C VAL A 167 -11.11 2.50 -14.70
N VAL A 168 -12.22 3.11 -14.32
CA VAL A 168 -12.18 4.49 -13.81
C VAL A 168 -12.50 4.55 -12.32
N THR A 169 -11.67 5.27 -11.56
CA THR A 169 -11.77 5.33 -10.10
C THR A 169 -11.74 6.80 -9.68
N ASP A 170 -12.85 7.35 -9.17
CA ASP A 170 -12.81 8.66 -8.44
C ASP A 170 -12.17 8.43 -7.06
N VAL A 171 -11.05 9.10 -6.82
CA VAL A 171 -10.24 8.86 -5.62
C VAL A 171 -10.78 9.68 -4.44
N SER A 172 -11.91 9.20 -3.92
CA SER A 172 -12.60 9.81 -2.78
C SER A 172 -13.67 8.81 -2.33
N LYS A 173 -14.29 8.15 -3.33
CA LYS A 173 -15.36 7.17 -3.13
C LYS A 173 -14.96 5.92 -2.32
N ASP A 174 -13.65 5.64 -2.24
CA ASP A 174 -13.08 4.55 -1.42
C ASP A 174 -13.59 4.50 0.03
N GLY A 175 -14.17 5.62 0.49
CA GLY A 175 -14.73 5.75 1.84
C GLY A 175 -16.10 5.10 1.99
N THR A 176 -16.70 4.77 0.83
CA THR A 176 -17.93 3.94 0.70
C THR A 176 -19.17 4.36 1.52
N LEU A 177 -19.94 5.26 0.93
CA LEU A 177 -21.30 5.61 1.36
C LEU A 177 -21.61 6.96 0.73
N THR A 178 -20.70 7.39 -0.13
CA THR A 178 -21.04 8.46 -1.03
C THR A 178 -21.91 7.83 -2.13
N GLY A 179 -21.30 6.88 -2.84
CA GLY A 179 -21.82 6.34 -4.08
C GLY A 179 -20.68 6.44 -5.08
N PRO A 180 -20.78 5.74 -6.23
CA PRO A 180 -19.77 5.97 -7.26
C PRO A 180 -20.17 7.22 -8.00
N ASN A 181 -19.22 7.89 -8.64
CA ASN A 181 -19.51 9.15 -9.31
C ASN A 181 -20.08 8.91 -10.73
N VAL A 182 -21.39 8.69 -10.76
CA VAL A 182 -22.10 8.35 -11.97
C VAL A 182 -22.06 9.44 -13.03
N ASP A 183 -21.99 10.72 -12.64
CA ASP A 183 -21.96 11.77 -13.65
C ASP A 183 -20.65 11.80 -14.40
N LEU A 184 -19.55 11.57 -13.69
CA LEU A 184 -18.26 11.36 -14.32
C LEU A 184 -18.28 10.10 -15.23
N LEU A 185 -18.68 8.96 -14.69
CA LEU A 185 -18.70 7.72 -15.46
C LEU A 185 -19.47 7.82 -16.78
N ARG A 186 -20.65 8.47 -16.74
CA ARG A 186 -21.46 8.71 -17.93
C ARG A 186 -20.76 9.64 -18.91
N ASP A 187 -20.06 10.64 -18.39
CA ASP A 187 -19.28 11.55 -19.23
C ASP A 187 -18.15 10.79 -19.93
N VAL A 188 -17.43 9.98 -19.17
CA VAL A 188 -16.37 9.13 -19.72
C VAL A 188 -16.94 8.16 -20.76
N ALA A 189 -18.03 7.48 -20.45
CA ALA A 189 -18.69 6.59 -21.41
C ALA A 189 -19.05 7.25 -22.75
N ALA A 190 -19.49 8.52 -22.69
CA ALA A 190 -19.81 9.35 -23.86
C ALA A 190 -18.56 9.81 -24.63
N ALA A 191 -17.47 10.01 -23.92
CA ALA A 191 -16.19 10.45 -24.51
C ALA A 191 -15.36 9.36 -25.28
N THR A 192 -15.66 8.08 -25.11
CA THR A 192 -14.89 7.02 -25.76
C THR A 192 -15.78 5.90 -26.22
N ASP A 193 -15.35 5.20 -27.28
CA ASP A 193 -16.05 3.98 -27.69
C ASP A 193 -15.72 2.77 -26.80
N ALA A 194 -14.64 2.85 -26.03
CA ALA A 194 -14.23 1.75 -25.17
C ALA A 194 -15.17 1.65 -23.96
N PRO A 195 -15.69 0.44 -23.67
CA PRO A 195 -16.51 0.15 -22.49
C PRO A 195 -15.78 0.49 -21.17
N ILE A 196 -16.58 0.77 -20.14
CA ILE A 196 -16.10 1.27 -18.86
C ILE A 196 -16.40 0.34 -17.68
N VAL A 197 -15.36 0.05 -16.88
CA VAL A 197 -15.51 -0.56 -15.55
C VAL A 197 -15.46 0.51 -14.48
N ALA A 198 -16.57 0.64 -13.76
CA ALA A 198 -16.66 1.47 -12.58
C ALA A 198 -15.96 0.76 -11.44
N SER A 199 -15.12 1.49 -10.73
CA SER A 199 -14.43 0.96 -9.57
C SER A 199 -14.40 1.99 -8.43
N GLY A 200 -14.05 1.57 -7.22
CA GLY A 200 -13.99 2.50 -6.11
C GLY A 200 -15.15 2.38 -5.14
N GLY A 201 -16.23 3.14 -5.37
CA GLY A 201 -17.14 3.46 -4.27
C GLY A 201 -18.53 2.84 -4.18
N ILE A 202 -18.59 1.53 -3.99
CA ILE A 202 -19.89 0.90 -3.78
C ILE A 202 -20.29 0.83 -2.29
N SER A 203 -21.45 1.42 -1.95
CA SER A 203 -21.96 1.39 -0.58
C SER A 203 -23.18 0.47 -0.42
N THR A 204 -24.19 0.66 -1.28
CA THR A 204 -25.45 -0.07 -1.18
C THR A 204 -25.81 -0.78 -2.46
N LEU A 205 -26.80 -1.66 -2.34
CA LEU A 205 -27.26 -2.42 -3.50
C LEU A 205 -27.75 -1.49 -4.60
N GLU A 206 -28.37 -0.40 -4.20
CA GLU A 206 -28.90 0.60 -5.15
C GLU A 206 -27.77 1.35 -5.90
N ASP A 207 -26.59 1.45 -5.30
CA ASP A 207 -25.40 1.92 -6.05
C ASP A 207 -25.07 1.03 -7.26
N VAL A 208 -25.09 -0.29 -7.09
CA VAL A 208 -24.93 -1.20 -8.24
C VAL A 208 -25.99 -0.92 -9.29
N LEU A 209 -27.21 -0.73 -8.83
CA LEU A 209 -28.38 -0.60 -9.71
C LEU A 209 -28.39 0.72 -10.45
N GLY A 210 -27.97 1.80 -9.79
CA GLY A 210 -27.77 3.07 -10.49
C GLY A 210 -26.78 2.97 -11.65
N LEU A 211 -25.68 2.24 -11.44
CA LEU A 211 -24.75 1.93 -12.54
C LEU A 211 -25.34 1.07 -13.70
N ALA A 212 -25.91 -0.08 -13.39
CA ALA A 212 -26.46 -0.99 -14.44
C ALA A 212 -27.48 -0.32 -15.38
N LYS A 213 -28.25 0.59 -14.81
CA LYS A 213 -29.12 1.53 -15.57
C LYS A 213 -28.45 2.11 -16.81
N TYR A 214 -27.14 2.33 -16.73
CA TYR A 214 -26.40 2.98 -17.80
C TYR A 214 -25.53 2.04 -18.64
N GLN A 215 -25.74 0.72 -18.47
CA GLN A 215 -24.94 -0.28 -19.19
C GLN A 215 -24.91 -0.08 -20.71
N ASP A 216 -25.97 0.51 -21.24
CA ASP A 216 -26.11 0.71 -22.67
C ASP A 216 -25.30 1.92 -23.17
N GLU A 217 -24.95 2.82 -22.27
CA GLU A 217 -24.05 3.93 -22.61
C GLU A 217 -22.58 3.48 -22.67
N GLY A 218 -22.28 2.33 -22.06
CA GLY A 218 -20.94 1.78 -22.04
C GLY A 218 -20.36 1.45 -20.68
N ILE A 219 -21.16 1.60 -19.61
CA ILE A 219 -20.77 1.21 -18.25
C ILE A 219 -21.30 -0.21 -18.04
N ASP A 220 -20.45 -1.20 -18.30
CA ASP A 220 -20.91 -2.58 -18.36
C ASP A 220 -20.43 -3.44 -17.22
N SER A 221 -19.71 -2.84 -16.27
CA SER A 221 -19.08 -3.63 -15.19
C SER A 221 -18.84 -2.76 -13.98
N VAL A 222 -18.72 -3.43 -12.85
CA VAL A 222 -18.35 -2.81 -11.61
C VAL A 222 -17.48 -3.79 -10.84
N ILE A 223 -16.41 -3.27 -10.28
CA ILE A 223 -15.60 -3.96 -9.29
C ILE A 223 -16.09 -3.61 -7.89
N ILE A 224 -16.16 -4.59 -7.00
CA ILE A 224 -16.70 -4.40 -5.66
C ILE A 224 -15.86 -5.21 -4.67
N GLY A 225 -15.31 -4.50 -3.69
CA GLY A 225 -14.57 -5.11 -2.61
C GLY A 225 -15.39 -4.97 -1.35
N LYS A 226 -15.07 -3.92 -0.61
CA LYS A 226 -15.53 -3.72 0.77
C LYS A 226 -17.01 -4.03 0.99
N ALA A 227 -17.87 -3.36 0.23
CA ALA A 227 -19.31 -3.59 0.35
C ALA A 227 -19.69 -5.06 0.46
N LEU A 228 -18.92 -5.94 -0.19
CA LEU A 228 -19.19 -7.38 -0.22
C LEU A 228 -18.69 -8.07 1.03
N TYR A 229 -17.50 -7.67 1.48
CA TYR A 229 -16.82 -8.32 2.60
C TYR A 229 -17.32 -7.81 3.95
N GLU A 230 -18.08 -6.72 3.92
CA GLU A 230 -18.61 -6.14 5.13
C GLU A 230 -20.09 -6.40 5.15
N HIS A 231 -20.49 -7.31 4.27
CA HIS A 231 -21.82 -7.92 4.23
C HIS A 231 -22.95 -6.90 4.02
N ARG A 232 -22.68 -5.83 3.27
CA ARG A 232 -23.72 -4.85 2.93
C ARG A 232 -24.79 -5.49 2.03
N PHE A 233 -24.37 -6.34 1.09
CA PHE A 233 -25.31 -7.20 0.34
C PHE A 233 -24.55 -8.46 -0.11
N THR A 234 -25.25 -9.47 -0.63
CA THR A 234 -24.53 -10.64 -1.17
C THR A 234 -24.45 -10.59 -2.69
N LEU A 235 -23.50 -11.34 -3.25
CA LEU A 235 -23.29 -11.32 -4.68
C LEU A 235 -24.53 -11.81 -5.47
N ALA A 236 -25.02 -13.01 -5.14
CA ALA A 236 -26.33 -13.54 -5.63
C ALA A 236 -27.45 -12.50 -5.55
N GLU A 237 -27.52 -11.76 -4.44
CA GLU A 237 -28.52 -10.70 -4.38
C GLU A 237 -28.34 -9.66 -5.50
N ALA A 238 -27.14 -9.08 -5.60
CA ALA A 238 -26.84 -8.11 -6.65
C ALA A 238 -26.98 -8.68 -8.06
N LEU A 239 -26.54 -9.91 -8.29
CA LEU A 239 -26.68 -10.46 -9.66
C LEU A 239 -28.16 -10.55 -10.10
N GLU A 240 -29.02 -11.05 -9.21
CA GLU A 240 -30.45 -11.12 -9.49
C GLU A 240 -31.05 -9.71 -9.60
N ALA A 241 -30.68 -8.81 -8.69
CA ALA A 241 -31.24 -7.45 -8.80
C ALA A 241 -30.90 -6.77 -10.11
N VAL A 242 -29.80 -7.18 -10.76
CA VAL A 242 -29.36 -6.61 -12.04
C VAL A 242 -30.06 -7.34 -13.18
N GLU A 243 -30.39 -8.60 -12.93
CA GLU A 243 -31.25 -9.33 -13.84
C GLU A 243 -32.63 -8.65 -13.93
N LYS A 244 -33.23 -8.41 -12.77
CA LYS A 244 -34.54 -7.76 -12.65
C LYS A 244 -34.66 -6.47 -13.45
N LEU A 245 -33.54 -5.74 -13.59
CA LEU A 245 -33.48 -4.59 -14.50
C LEU A 245 -33.45 -5.03 -15.95
N GLY A 246 -32.59 -6.00 -16.26
CA GLY A 246 -32.41 -6.47 -17.64
C GLY A 246 -33.74 -6.54 -18.37
N LYS A 247 -34.73 -7.10 -17.66
CA LYS A 247 -36.08 -7.27 -18.15
C LYS A 247 -36.89 -6.00 -17.95
N LEU A 248 -37.22 -5.59 -16.82
N THR B 2 21.95 6.79 15.85
CA THR B 2 21.57 5.37 16.11
C THR B 2 21.93 4.88 17.51
N PHE B 3 22.02 5.83 18.43
CA PHE B 3 21.66 5.61 19.84
C PHE B 3 20.62 4.46 19.99
N THR B 4 19.46 4.52 19.33
CA THR B 4 18.50 3.36 19.40
C THR B 4 18.13 2.62 18.09
N ILE B 5 18.05 1.30 18.20
CA ILE B 5 17.76 0.42 17.07
C ILE B 5 16.38 -0.20 17.23
N LEU B 6 15.55 -0.10 16.19
CA LEU B 6 14.19 -0.65 16.17
C LEU B 6 13.99 -1.77 15.11
N PRO B 7 13.91 -3.05 15.55
CA PRO B 7 13.55 -4.10 14.58
C PRO B 7 12.21 -3.77 13.99
N ALA B 8 12.05 -4.05 12.70
CA ALA B 8 10.81 -3.76 11.98
C ALA B 8 10.00 -5.05 11.92
N VAL B 9 8.73 -4.98 12.34
CA VAL B 9 7.80 -6.09 12.27
C VAL B 9 6.58 -5.77 11.32
N ASP B 10 6.58 -6.34 10.11
CA ASP B 10 5.45 -6.25 9.18
C ASP B 10 4.32 -7.20 9.61
N VAL B 11 3.11 -6.69 9.78
CA VAL B 11 1.94 -7.51 10.10
C VAL B 11 0.95 -7.52 8.91
N VAL B 12 0.81 -8.67 8.22
CA VAL B 12 -0.17 -8.85 7.13
C VAL B 12 -0.84 -10.19 7.30
N ASN B 13 -2.06 -10.28 6.78
CA ASN B 13 -2.86 -11.45 7.00
C ASN B 13 -2.88 -11.78 8.50
N GLY B 14 -2.78 -10.75 9.35
CA GLY B 14 -2.75 -10.95 10.79
C GLY B 14 -1.57 -11.77 11.30
N GLN B 15 -0.48 -11.86 10.53
CA GLN B 15 0.71 -12.61 10.96
C GLN B 15 1.97 -11.79 10.81
N ALA B 16 3.08 -12.32 11.31
CA ALA B 16 4.38 -11.69 11.22
C ALA B 16 5.41 -12.75 10.83
N VAL B 17 6.39 -12.42 9.99
CA VAL B 17 7.43 -13.37 9.64
C VAL B 17 8.19 -13.84 10.88
N ARG B 18 8.43 -15.15 10.96
CA ARG B 18 9.19 -15.72 12.07
C ARG B 18 10.69 -15.62 11.79
N LEU B 19 11.42 -14.99 12.70
CA LEU B 19 12.87 -14.90 12.59
C LEU B 19 13.46 -16.32 12.78
N ASP B 20 14.09 -16.87 11.72
CA ASP B 20 14.48 -18.30 11.72
C ASP B 20 15.87 -18.60 12.30
N GLN B 21 16.20 -19.89 12.42
CA GLN B 21 17.53 -20.30 12.94
C GLN B 21 18.70 -20.03 11.99
N GLY B 22 18.40 -19.54 10.78
CA GLY B 22 19.40 -18.97 9.89
C GLY B 22 20.29 -19.87 9.04
N GLU B 23 19.87 -21.10 8.77
CA GLU B 23 20.72 -21.93 7.91
C GLU B 23 20.51 -21.64 6.43
N ALA B 24 21.27 -22.35 5.60
CA ALA B 24 21.20 -22.29 4.14
C ALA B 24 19.83 -22.70 3.58
N GLY B 25 19.08 -21.72 3.09
CA GLY B 25 17.86 -21.96 2.28
C GLY B 25 16.65 -22.59 2.94
N THR B 26 16.37 -22.16 4.17
CA THR B 26 15.13 -22.61 4.85
C THR B 26 14.05 -21.59 4.47
N GLU B 27 12.84 -22.08 4.22
CA GLU B 27 11.80 -21.21 3.69
C GLU B 27 11.15 -20.31 4.77
N LYS B 28 10.55 -19.23 4.29
CA LYS B 28 9.85 -18.25 5.12
C LYS B 28 8.71 -18.93 5.84
N SER B 29 8.57 -18.67 7.13
CA SER B 29 7.36 -19.08 7.81
C SER B 29 6.79 -17.93 8.68
N TYR B 30 5.49 -18.01 8.93
CA TYR B 30 4.76 -16.94 9.59
C TYR B 30 4.14 -17.41 10.88
N GLY B 31 4.24 -16.58 11.89
CA GLY B 31 3.56 -16.83 13.13
C GLY B 31 2.76 -15.63 13.56
N THR B 32 2.64 -15.44 14.86
CA THR B 32 1.81 -14.40 15.40
C THR B 32 2.72 -13.19 15.60
N PRO B 33 2.13 -12.00 15.62
CA PRO B 33 2.84 -10.76 15.98
C PRO B 33 3.43 -10.88 17.38
N LEU B 34 2.72 -11.49 18.30
CA LEU B 34 3.21 -11.67 19.65
C LEU B 34 4.46 -12.58 19.70
N GLU B 35 4.40 -13.66 18.92
CA GLU B 35 5.58 -14.54 18.74
C GLU B 35 6.85 -13.73 18.42
N SER B 36 6.80 -12.83 17.43
CA SER B 36 8.03 -12.08 17.11
C SER B 36 8.34 -10.97 18.07
N ALA B 37 7.31 -10.45 18.73
CA ALA B 37 7.62 -9.44 19.76
C ALA B 37 8.40 -10.11 20.89
N LEU B 38 7.99 -11.34 21.23
CA LEU B 38 8.70 -12.15 22.26
C LEU B 38 10.13 -12.47 21.87
N ARG B 39 10.32 -12.93 20.62
CA ARG B 39 11.68 -13.19 20.16
C ARG B 39 12.55 -11.94 20.22
N TRP B 40 12.03 -10.82 19.72
CA TRP B 40 12.83 -9.59 19.66
C TRP B 40 13.21 -9.06 21.05
N GLN B 41 12.28 -9.16 21.99
CA GLN B 41 12.61 -8.81 23.37
C GLN B 41 13.73 -9.69 23.97
N GLU B 42 13.87 -10.94 23.51
CA GLU B 42 14.96 -11.81 23.98
C GLU B 42 16.29 -11.47 23.36
N GLN B 43 16.26 -10.99 22.12
CA GLN B 43 17.44 -10.47 21.45
C GLN B 43 17.95 -9.19 22.11
N GLY B 44 17.17 -8.63 23.02
CA GLY B 44 17.55 -7.41 23.71
C GLY B 44 16.95 -6.12 23.19
N ALA B 45 15.93 -6.22 22.33
CA ALA B 45 15.25 -5.01 21.82
C ALA B 45 14.56 -4.26 22.91
N GLU B 46 14.76 -2.95 22.91
CA GLU B 46 14.09 -2.05 23.80
C GLU B 46 12.91 -1.33 23.17
N TRP B 47 12.90 -1.28 21.83
CA TRP B 47 11.83 -0.68 21.02
C TRP B 47 11.55 -1.58 19.83
N LEU B 48 10.28 -1.68 19.43
CA LEU B 48 9.92 -2.43 18.24
C LEU B 48 9.15 -1.53 17.26
N HIS B 49 9.45 -1.67 15.97
CA HIS B 49 8.69 -0.92 14.96
C HIS B 49 7.68 -1.79 14.20
N PHE B 50 6.39 -1.62 14.48
CA PHE B 50 5.33 -2.38 13.81
C PHE B 50 4.68 -1.64 12.63
N VAL B 51 4.44 -2.38 11.53
CA VAL B 51 3.71 -1.85 10.38
C VAL B 51 2.46 -2.68 10.26
N ASP B 52 1.29 -2.06 10.45
CA ASP B 52 0.00 -2.72 10.20
C ASP B 52 -0.30 -2.61 8.71
N LEU B 53 0.11 -3.63 7.95
CA LEU B 53 -0.11 -3.60 6.52
C LEU B 53 -1.53 -3.99 6.13
N ASP B 54 -2.19 -4.76 6.99
CA ASP B 54 -3.62 -5.00 6.80
C ASP B 54 -4.35 -3.67 6.75
N ALA B 55 -4.03 -2.79 7.70
CA ALA B 55 -4.62 -1.44 7.74
C ALA B 55 -4.14 -0.58 6.59
N ALA B 56 -2.82 -0.49 6.38
CA ALA B 56 -2.26 0.19 5.22
C ALA B 56 -2.93 -0.15 3.88
N PHE B 57 -3.31 -1.42 3.68
CA PHE B 57 -3.86 -1.90 2.41
C PHE B 57 -5.39 -2.01 2.42
N ASN B 58 -6.02 -1.64 3.52
CA ASN B 58 -7.47 -1.59 3.64
C ASN B 58 -8.16 -2.91 3.60
N ARG B 59 -7.59 -3.89 4.30
CA ARG B 59 -8.19 -5.19 4.35
C ARG B 59 -8.13 -5.78 5.73
N GLY B 60 -8.29 -4.92 6.73
CA GLY B 60 -8.41 -5.35 8.12
C GLY B 60 -7.62 -4.40 9.01
N SER B 61 -7.48 -4.78 10.27
CA SER B 61 -6.74 -4.03 11.24
C SER B 61 -6.20 -4.96 12.31
N ASN B 62 -4.98 -4.73 12.74
CA ASN B 62 -4.40 -5.56 13.78
C ASN B 62 -4.32 -4.86 15.15
N HIS B 63 -5.16 -3.85 15.34
CA HIS B 63 -5.12 -3.06 16.59
C HIS B 63 -5.38 -3.90 17.86
N GLU B 64 -6.29 -4.87 17.79
CA GLU B 64 -6.60 -5.73 18.95
C GLU B 64 -5.42 -6.64 19.32
N LEU B 65 -4.72 -7.15 18.30
CA LEU B 65 -3.45 -7.88 18.46
C LEU B 65 -2.41 -6.99 19.14
N MET B 66 -2.27 -5.75 18.67
CA MET B 66 -1.23 -4.81 19.16
C MET B 66 -1.39 -4.40 20.63
N ALA B 67 -2.65 -4.26 21.03
CA ALA B 67 -3.00 -3.96 22.40
C ALA B 67 -2.49 -5.05 23.32
N GLU B 68 -2.74 -6.31 22.99
CA GLU B 68 -2.24 -7.43 23.79
C GLU B 68 -0.69 -7.40 23.90
N ILE B 69 -0.02 -7.07 22.80
CA ILE B 69 1.42 -6.94 22.82
C ILE B 69 1.90 -5.88 23.83
N THR B 70 1.27 -4.70 23.87
CA THR B 70 1.79 -3.60 24.70
C THR B 70 1.41 -3.82 26.16
N ARG B 71 0.37 -4.62 26.33
CA ARG B 71 -0.12 -5.07 27.63
C ARG B 71 0.82 -6.12 28.27
N GLN B 72 1.18 -7.20 27.57
CA GLN B 72 2.14 -8.12 28.21
C GLN B 72 3.64 -7.81 28.17
N LEU B 73 4.11 -6.90 27.32
CA LEU B 73 5.56 -6.70 27.23
C LEU B 73 6.04 -5.36 27.77
N ASP B 74 7.30 -5.29 28.19
CA ASP B 74 7.90 -4.11 28.85
C ASP B 74 8.71 -3.31 27.86
N ILE B 75 8.24 -3.34 26.62
CA ILE B 75 9.00 -2.92 25.48
C ILE B 75 8.25 -1.76 24.82
N LYS B 76 8.98 -0.79 24.28
CA LYS B 76 8.29 0.29 23.65
C LYS B 76 7.91 -0.06 22.20
N VAL B 77 6.74 0.44 21.78
CA VAL B 77 6.17 0.13 20.49
C VAL B 77 5.87 1.39 19.65
N GLU B 78 6.46 1.43 18.46
CA GLU B 78 6.22 2.41 17.43
C GLU B 78 5.34 1.72 16.39
N LEU B 79 4.19 2.32 16.13
CA LEU B 79 3.18 1.70 15.31
C LEU B 79 2.93 2.62 14.11
N THR B 80 2.88 2.03 12.92
CA THR B 80 2.51 2.75 11.73
C THR B 80 1.57 1.89 10.88
N GLY B 81 1.02 2.45 9.81
CA GLY B 81 0.22 1.70 8.84
C GLY B 81 -1.25 2.08 8.83
N GLY B 82 -1.73 2.65 7.71
CA GLY B 82 -3.13 3.05 7.59
C GLY B 82 -3.60 4.26 8.41
N ILE B 83 -2.68 5.03 8.99
CA ILE B 83 -3.10 6.16 9.84
C ILE B 83 -3.24 7.41 8.99
N ARG B 84 -4.49 7.75 8.71
CA ARG B 84 -4.82 8.75 7.72
C ARG B 84 -6.02 9.62 8.11
N ASP B 85 -6.58 9.43 9.31
CA ASP B 85 -7.75 10.20 9.75
C ASP B 85 -7.93 10.01 11.24
N ASP B 86 -8.93 10.69 11.80
CA ASP B 86 -9.14 10.68 13.23
C ASP B 86 -9.50 9.28 13.77
N ALA B 87 -10.41 8.59 13.11
CA ALA B 87 -10.77 7.24 13.55
C ALA B 87 -9.54 6.30 13.59
N SER B 88 -8.70 6.33 12.56
CA SER B 88 -7.64 5.35 12.39
C SER B 88 -6.51 5.77 13.31
N LEU B 89 -6.27 7.07 13.33
CA LEU B 89 -5.42 7.63 14.39
C LEU B 89 -5.81 7.14 15.78
N GLU B 90 -7.09 7.16 16.16
CA GLU B 90 -7.45 6.82 17.55
C GLU B 90 -7.41 5.31 17.78
N ARG B 91 -7.70 4.55 16.74
CA ARG B 91 -7.47 3.10 16.79
C ARG B 91 -5.97 2.83 17.10
N ALA B 92 -5.07 3.54 16.44
CA ALA B 92 -3.62 3.37 16.69
C ALA B 92 -3.19 3.74 18.11
N LEU B 93 -3.71 4.86 18.63
CA LEU B 93 -3.38 5.28 20.04
C LEU B 93 -3.97 4.34 21.09
N ALA B 94 -5.19 3.85 20.86
CA ALA B 94 -5.89 3.01 21.85
C ALA B 94 -5.16 1.67 22.04
N THR B 95 -4.18 1.47 21.17
CA THR B 95 -3.37 0.26 21.13
C THR B 95 -2.41 0.21 22.33
N GLY B 96 -2.08 1.38 22.88
CA GLY B 96 -1.05 1.44 23.91
C GLY B 96 0.32 1.79 23.34
N ALA B 97 0.46 1.86 22.01
CA ALA B 97 1.76 2.17 21.44
C ALA B 97 2.36 3.42 22.05
N THR B 98 3.67 3.39 22.29
CA THR B 98 4.38 4.52 22.83
C THR B 98 4.35 5.69 21.87
N ARG B 99 4.27 5.37 20.59
CA ARG B 99 4.40 6.33 19.52
C ARG B 99 3.77 5.81 18.20
N VAL B 100 3.37 6.75 17.36
CA VAL B 100 2.63 6.42 16.16
C VAL B 100 3.26 7.19 14.99
N ASN B 101 3.58 6.53 13.87
CA ASN B 101 4.08 7.22 12.66
C ASN B 101 2.99 7.42 11.62
N ILE B 102 2.93 8.62 11.05
CA ILE B 102 1.92 8.96 10.06
C ILE B 102 2.69 9.35 8.82
N GLY B 103 2.32 8.77 7.67
CA GLY B 103 3.06 8.93 6.44
C GLY B 103 2.44 9.95 5.51
N THR B 104 2.07 9.46 4.33
CA THR B 104 1.59 10.25 3.20
C THR B 104 0.37 11.14 3.57
N ALA B 105 -0.48 10.64 4.47
CA ALA B 105 -1.59 11.41 5.03
C ALA B 105 -1.17 12.77 5.63
N ALA B 106 -0.04 12.81 6.35
CA ALA B 106 0.46 14.08 6.90
C ALA B 106 0.75 15.11 5.83
N LEU B 107 1.21 14.65 4.67
CA LEU B 107 1.55 15.48 3.51
C LEU B 107 0.36 15.92 2.67
N GLU B 108 -0.71 15.15 2.66
CA GLU B 108 -1.89 15.48 1.89
C GLU B 108 -2.85 16.28 2.73
N LYS B 109 -2.76 16.15 4.05
CA LYS B 109 -3.69 16.82 4.95
C LYS B 109 -3.02 17.75 5.99
N PRO B 110 -2.39 18.85 5.54
CA PRO B 110 -1.53 19.71 6.37
C PRO B 110 -2.20 20.33 7.58
N GLU B 111 -3.52 20.49 7.55
CA GLU B 111 -4.28 21.05 8.66
C GLU B 111 -4.65 19.98 9.67
N TRP B 112 -5.12 18.83 9.19
CA TRP B 112 -5.33 17.67 10.06
C TRP B 112 -4.07 17.40 10.91
N ILE B 113 -2.92 17.32 10.26
CA ILE B 113 -1.69 16.92 10.95
C ILE B 113 -1.26 17.96 12.00
N ALA B 114 -1.30 19.24 11.63
CA ALA B 114 -1.24 20.32 12.62
C ALA B 114 -2.09 20.00 13.86
N ASP B 115 -3.39 19.73 13.69
CA ASP B 115 -4.20 19.44 14.87
C ASP B 115 -3.74 18.22 15.64
N VAL B 116 -3.34 17.15 14.92
CA VAL B 116 -3.05 15.93 15.70
C VAL B 116 -1.81 16.19 16.54
N ILE B 117 -0.82 16.87 15.95
CA ILE B 117 0.39 17.23 16.67
C ILE B 117 0.09 18.00 17.95
N ARG B 118 -0.66 19.11 17.81
CA ARG B 118 -1.13 19.91 18.96
C ARG B 118 -1.78 19.04 20.03
N ARG B 119 -2.73 18.19 19.64
CA ARG B 119 -3.43 17.31 20.60
C ARG B 119 -2.52 16.24 21.23
N HIS B 120 -1.64 15.63 20.42
CA HIS B 120 -0.96 14.40 20.89
C HIS B 120 0.57 14.54 21.05
N GLY B 121 1.14 15.61 20.53
CA GLY B 121 2.57 15.86 20.72
C GLY B 121 3.45 14.64 20.49
N GLU B 122 4.23 14.29 21.51
CA GLU B 122 5.38 13.38 21.40
C GLU B 122 4.98 11.95 21.02
N LYS B 123 3.67 11.71 21.00
CA LYS B 123 3.15 10.45 20.52
C LYS B 123 3.16 10.33 19.00
N ILE B 124 3.52 11.42 18.33
CA ILE B 124 3.37 11.51 16.91
C ILE B 124 4.72 11.80 16.28
N ALA B 125 5.06 11.00 15.28
CA ALA B 125 6.23 11.23 14.45
C ALA B 125 5.69 11.13 13.05
N VAL B 126 6.37 11.79 12.11
CA VAL B 126 5.94 11.86 10.74
C VAL B 126 6.99 11.17 9.85
N ASP B 127 6.58 10.22 9.03
CA ASP B 127 7.53 9.52 8.17
C ASP B 127 7.51 10.13 6.78
N ILE B 128 8.66 10.62 6.34
CA ILE B 128 8.76 11.26 5.05
C ILE B 128 9.72 10.50 4.18
N ALA B 129 9.20 9.94 3.11
CA ALA B 129 9.98 9.26 2.11
C ALA B 129 10.34 10.31 1.08
N VAL B 130 11.62 10.41 0.71
CA VAL B 130 12.09 11.44 -0.22
C VAL B 130 12.90 10.91 -1.43
N ARG B 131 13.14 11.78 -2.41
CA ARG B 131 13.63 11.36 -3.72
C ARG B 131 14.34 12.54 -4.37
N LEU B 132 15.57 12.30 -4.84
CA LEU B 132 16.29 13.26 -5.64
C LEU B 132 15.87 13.00 -7.08
N GLU B 133 15.22 13.99 -7.69
CA GLU B 133 15.17 14.09 -9.17
C GLU B 133 15.05 15.53 -9.68
N ASN B 134 15.48 15.70 -10.94
CA ASN B 134 15.77 17.03 -11.53
C ASN B 134 16.44 17.99 -10.52
N GLY B 135 17.23 17.41 -9.61
CA GLY B 135 18.17 18.16 -8.80
C GLY B 135 17.82 18.38 -7.33
N GLU B 136 16.53 18.24 -7.00
CA GLU B 136 15.99 18.68 -5.69
C GLU B 136 15.36 17.53 -4.90
N TRP B 137 15.35 17.69 -3.57
CA TRP B 137 14.75 16.70 -2.67
C TRP B 137 13.23 16.92 -2.53
N ARG B 138 12.47 15.90 -2.91
CA ARG B 138 11.01 15.99 -3.02
C ARG B 138 10.33 14.78 -2.38
N THR B 139 9.23 15.03 -1.67
CA THR B 139 8.48 13.96 -0.96
C THR B 139 7.62 13.16 -1.93
N ASP B 150 8.58 19.81 -2.03
CA ASP B 150 9.92 20.23 -1.60
C ASP B 150 10.14 19.88 -0.14
N LEU B 151 11.28 19.27 0.15
CA LEU B 151 11.51 18.60 1.41
C LEU B 151 11.67 19.60 2.53
N TRP B 152 12.48 20.61 2.26
CA TRP B 152 12.81 21.63 3.25
C TRP B 152 11.62 22.53 3.59
N GLU B 153 10.79 22.81 2.58
CA GLU B 153 9.48 23.45 2.83
C GLU B 153 8.65 22.63 3.83
N VAL B 154 8.39 21.37 3.44
CA VAL B 154 7.63 20.39 4.22
C VAL B 154 8.16 20.28 5.65
N LEU B 155 9.49 20.18 5.77
CA LEU B 155 10.19 20.10 7.07
C LEU B 155 10.00 21.36 7.92
N GLU B 156 10.13 22.51 7.26
CA GLU B 156 9.99 23.78 7.99
C GLU B 156 8.57 23.91 8.52
N ARG B 157 7.60 23.60 7.67
CA ARG B 157 6.21 23.68 8.09
C ARG B 157 6.00 22.86 9.37
N LEU B 158 6.20 21.54 9.30
CA LEU B 158 5.96 20.63 10.43
C LEU B 158 6.79 20.91 11.69
N ASP B 159 8.02 21.37 11.56
CA ASP B 159 8.67 21.87 12.76
C ASP B 159 7.89 23.07 13.34
N SER B 160 7.63 24.09 12.51
CA SER B 160 6.90 25.27 12.98
C SER B 160 5.58 24.85 13.64
N GLN B 161 5.08 23.66 13.29
CA GLN B 161 3.85 23.16 13.91
C GLN B 161 4.06 22.35 15.19
N GLY B 162 5.33 22.14 15.56
CA GLY B 162 5.71 21.43 16.81
C GLY B 162 5.98 19.92 16.74
N CYS B 163 6.22 19.42 15.53
CA CYS B 163 6.54 17.96 15.32
C CYS B 163 7.76 17.44 16.12
N SER B 164 7.53 16.54 17.06
CA SER B 164 8.58 15.97 17.90
C SER B 164 9.61 15.03 17.25
N ARG B 165 9.36 14.57 16.01
CA ARG B 165 10.17 13.49 15.43
C ARG B 165 9.80 13.19 13.98
N PHE B 166 10.84 12.98 13.16
CA PHE B 166 10.73 12.61 11.76
C PHE B 166 11.41 11.27 11.54
N VAL B 167 10.75 10.41 10.75
CA VAL B 167 11.32 9.18 10.25
C VAL B 167 11.62 9.41 8.78
N VAL B 168 12.86 9.23 8.36
CA VAL B 168 13.25 9.53 6.97
C VAL B 168 13.73 8.32 6.15
N THR B 169 13.24 8.18 4.91
CA THR B 169 13.73 7.17 3.94
C THR B 169 14.10 7.79 2.59
N ASP B 170 15.22 7.36 2.00
CA ASP B 170 15.59 7.82 0.64
C ASP B 170 14.60 7.23 -0.37
N VAL B 171 14.88 6.10 -0.99
CA VAL B 171 13.88 5.57 -1.94
C VAL B 171 14.25 5.98 -3.38
N SER B 172 15.30 6.79 -3.50
CA SER B 172 15.55 7.47 -4.77
C SER B 172 16.15 6.60 -5.91
N LYS B 173 15.89 5.29 -5.90
CA LYS B 173 16.46 4.37 -6.92
C LYS B 173 18.00 4.25 -6.80
N ASP B 174 18.51 3.08 -6.39
CA ASP B 174 19.96 2.87 -6.15
C ASP B 174 20.64 4.01 -5.37
N GLY B 175 19.88 4.79 -4.61
CA GLY B 175 20.46 5.91 -3.89
C GLY B 175 21.21 5.42 -2.66
N THR B 176 20.73 4.30 -2.11
CA THR B 176 21.25 3.69 -0.90
C THR B 176 21.64 2.23 -1.13
N LEU B 177 21.85 1.86 -2.39
CA LEU B 177 22.26 0.52 -2.74
C LEU B 177 23.59 0.18 -2.05
N THR B 178 24.45 1.19 -1.88
CA THR B 178 25.71 1.08 -1.14
C THR B 178 25.63 1.53 0.34
N GLY B 179 24.42 1.86 0.80
CA GLY B 179 24.22 2.19 2.22
C GLY B 179 23.35 3.41 2.45
N PRO B 180 23.05 3.75 3.72
CA PRO B 180 22.14 4.88 3.95
C PRO B 180 22.77 6.16 3.42
N ASN B 181 21.93 7.10 2.98
CA ASN B 181 22.36 8.43 2.56
C ASN B 181 22.58 9.30 3.79
N VAL B 182 23.70 9.10 4.48
CA VAL B 182 24.03 9.86 5.70
C VAL B 182 24.05 11.37 5.40
N ASP B 183 24.39 11.72 4.15
CA ASP B 183 24.50 13.12 3.79
C ASP B 183 23.17 13.85 3.81
N LEU B 184 22.21 13.28 3.10
CA LEU B 184 20.84 13.79 3.12
C LEU B 184 20.33 13.82 4.55
N LEU B 185 20.75 12.86 5.37
CA LEU B 185 20.30 12.75 6.76
C LEU B 185 20.92 13.74 7.74
N ARG B 186 22.22 14.05 7.59
CA ARG B 186 22.90 15.07 8.42
C ARG B 186 22.21 16.39 8.18
N ASP B 187 21.94 16.67 6.91
CA ASP B 187 21.31 17.92 6.51
C ASP B 187 19.95 18.04 7.16
N VAL B 188 19.15 16.98 7.04
CA VAL B 188 17.83 16.96 7.65
C VAL B 188 17.91 17.06 9.16
N ALA B 189 18.90 16.44 9.78
CA ALA B 189 19.00 16.53 11.23
C ALA B 189 19.32 17.96 11.71
N ALA B 190 19.98 18.73 10.83
CA ALA B 190 20.46 20.06 11.16
C ALA B 190 19.42 21.17 10.90
N ALA B 191 18.45 20.90 10.01
CA ALA B 191 17.39 21.88 9.69
C ALA B 191 16.20 21.89 10.66
N THR B 192 16.18 20.92 11.58
CA THR B 192 15.12 20.80 12.56
C THR B 192 15.76 20.50 13.90
N ASP B 193 15.07 20.84 14.98
CA ASP B 193 15.48 20.49 16.32
C ASP B 193 14.91 19.13 16.67
N ALA B 194 14.00 18.62 15.84
CA ALA B 194 13.38 17.33 16.16
C ALA B 194 14.33 16.21 15.80
N PRO B 195 14.40 15.16 16.63
CA PRO B 195 15.23 14.02 16.24
C PRO B 195 14.70 13.27 14.99
N ILE B 196 15.65 12.59 14.35
CA ILE B 196 15.46 11.86 13.11
C ILE B 196 15.68 10.34 13.36
N VAL B 197 14.79 9.53 12.81
CA VAL B 197 14.92 8.10 12.81
C VAL B 197 15.26 7.72 11.38
N ALA B 198 16.47 7.22 11.16
CA ALA B 198 16.86 6.73 9.84
C ALA B 198 16.14 5.43 9.53
N SER B 199 15.85 5.23 8.23
CA SER B 199 15.07 4.11 7.73
C SER B 199 15.54 3.73 6.35
N GLY B 200 15.74 2.45 6.11
CA GLY B 200 15.96 1.96 4.76
C GLY B 200 17.23 1.16 4.49
N GLY B 201 18.23 1.87 4.01
CA GLY B 201 19.33 1.19 3.32
C GLY B 201 20.39 0.55 4.20
N ILE B 202 19.94 -0.22 5.17
CA ILE B 202 20.84 -0.95 6.01
C ILE B 202 21.00 -2.34 5.40
N SER B 203 22.26 -2.73 5.15
CA SER B 203 22.56 -4.12 4.82
C SER B 203 23.76 -4.69 5.60
N THR B 204 24.47 -3.83 6.32
CA THR B 204 25.64 -4.22 7.09
C THR B 204 25.71 -3.48 8.44
N LEU B 205 26.37 -4.12 9.41
CA LEU B 205 26.77 -3.51 10.66
C LEU B 205 27.41 -2.12 10.49
N GLU B 206 28.21 -1.95 9.44
CA GLU B 206 28.90 -0.68 9.24
C GLU B 206 27.91 0.39 8.76
N ASP B 207 26.83 -0.03 8.09
CA ASP B 207 25.72 0.90 7.76
C ASP B 207 25.14 1.48 9.08
N VAL B 208 25.07 0.64 10.11
CA VAL B 208 24.52 1.03 11.42
C VAL B 208 25.47 1.96 12.19
N LEU B 209 26.77 1.64 12.16
CA LEU B 209 27.82 2.44 12.79
C LEU B 209 28.03 3.77 12.08
N GLY B 210 27.89 3.80 10.77
CA GLY B 210 28.03 5.06 10.05
C GLY B 210 26.95 6.12 10.32
N LEU B 211 25.83 5.65 10.85
CA LEU B 211 24.74 6.51 11.27
C LEU B 211 24.88 6.83 12.75
N ALA B 212 25.32 5.87 13.56
CA ALA B 212 25.50 6.11 14.98
C ALA B 212 26.49 7.23 15.33
N LYS B 213 27.54 7.44 14.53
CA LYS B 213 28.53 8.43 14.91
C LYS B 213 28.01 9.86 14.83
N TYR B 214 26.93 10.07 14.08
CA TYR B 214 26.29 11.38 14.01
C TYR B 214 25.04 11.51 14.91
N GLN B 215 24.96 10.65 15.92
CA GLN B 215 23.85 10.61 16.84
C GLN B 215 23.65 11.91 17.62
N ASP B 216 24.76 12.56 18.02
CA ASP B 216 24.72 13.85 18.75
C ASP B 216 24.27 14.99 17.84
N GLU B 217 24.08 14.72 16.56
CA GLU B 217 23.59 15.75 15.68
C GLU B 217 22.11 15.60 15.42
N GLY B 218 21.48 14.58 16.02
CA GLY B 218 20.06 14.36 15.82
C GLY B 218 19.60 13.00 15.28
N ILE B 219 20.50 12.28 14.59
CA ILE B 219 20.19 10.95 14.12
C ILE B 219 20.32 9.95 15.29
N ASP B 220 19.26 9.80 16.11
CA ASP B 220 19.26 8.95 17.31
C ASP B 220 18.70 7.53 17.20
N SER B 221 18.24 7.14 16.02
CA SER B 221 17.47 5.92 15.87
C SER B 221 17.63 5.32 14.48
N VAL B 222 17.51 4.01 14.39
CA VAL B 222 17.41 3.37 13.08
C VAL B 222 16.41 2.22 13.10
N ILE B 223 15.56 2.16 12.07
CA ILE B 223 14.68 1.04 11.85
C ILE B 223 15.44 0.06 10.94
N ILE B 224 15.46 -1.20 11.36
CA ILE B 224 16.09 -2.25 10.58
C ILE B 224 15.13 -3.42 10.46
N GLY B 225 14.90 -3.83 9.22
CA GLY B 225 14.06 -4.94 8.90
C GLY B 225 14.88 -6.02 8.24
N LYS B 226 15.00 -5.92 6.93
CA LYS B 226 15.54 -6.99 6.09
C LYS B 226 16.82 -7.61 6.59
N ALA B 227 17.80 -6.77 6.97
CA ALA B 227 19.18 -7.21 7.29
C ALA B 227 19.22 -8.09 8.52
N LEU B 228 18.32 -7.81 9.47
CA LEU B 228 18.16 -8.66 10.67
C LEU B 228 17.52 -10.00 10.32
N TYR B 229 16.47 -9.98 9.50
CA TYR B 229 15.71 -11.20 9.20
C TYR B 229 16.47 -12.16 8.31
N GLU B 230 17.37 -11.64 7.47
CA GLU B 230 18.17 -12.56 6.71
C GLU B 230 19.62 -12.65 7.20
N HIS B 231 19.82 -12.31 8.48
CA HIS B 231 20.96 -12.71 9.31
C HIS B 231 22.30 -12.12 8.90
N ARG B 232 22.27 -10.89 8.39
CA ARG B 232 23.48 -10.19 8.02
C ARG B 232 24.29 -9.91 9.27
N PHE B 233 23.57 -9.67 10.36
CA PHE B 233 24.12 -9.55 11.69
C PHE B 233 23.02 -9.81 12.69
N THR B 234 23.41 -10.00 13.95
CA THR B 234 22.44 -10.14 15.02
C THR B 234 22.17 -8.78 15.71
N LEU B 235 20.96 -8.61 16.23
CA LEU B 235 20.65 -7.38 17.01
C LEU B 235 21.65 -7.14 18.14
N ALA B 236 21.99 -8.22 18.86
CA ALA B 236 22.95 -8.16 19.96
C ALA B 236 24.34 -7.69 19.51
N GLU B 237 24.81 -8.17 18.36
CA GLU B 237 26.05 -7.65 17.76
C GLU B 237 25.90 -6.16 17.49
N ALA B 238 24.70 -5.75 17.08
CA ALA B 238 24.47 -4.34 16.71
C ALA B 238 24.47 -3.43 17.93
N LEU B 239 23.72 -3.83 18.96
CA LEU B 239 23.66 -3.06 20.21
C LEU B 239 25.06 -2.83 20.82
N GLU B 240 25.84 -3.91 21.00
CA GLU B 240 27.15 -3.77 21.65
C GLU B 240 28.09 -2.86 20.86
N ALA B 241 28.10 -3.01 19.54
CA ALA B 241 28.86 -2.13 18.67
C ALA B 241 28.42 -0.65 18.79
N VAL B 242 27.12 -0.40 18.79
CA VAL B 242 26.67 1.00 18.92
C VAL B 242 27.13 1.58 20.27
N GLU B 243 27.17 0.72 21.29
CA GLU B 243 27.69 1.08 22.60
C GLU B 243 29.23 1.40 22.58
N LYS B 244 30.01 0.62 21.82
CA LYS B 244 31.48 0.78 21.79
C LYS B 244 31.95 2.04 21.03
N LEU B 245 31.13 2.52 20.10
CA LEU B 245 31.49 3.66 19.28
C LEU B 245 31.41 5.00 20.02
N GLY B 246 30.32 5.18 20.78
CA GLY B 246 30.06 6.41 21.54
C GLY B 246 30.99 6.59 22.73
N LYS B 247 31.45 5.47 23.31
CA LYS B 247 32.36 5.49 24.47
C LYS B 247 33.83 5.70 24.09
N LEU B 248 34.27 5.08 22.98
CA LEU B 248 35.56 5.39 22.35
C LEU B 248 35.29 6.54 21.38
N ALA B 249 34.75 7.63 21.94
CA ALA B 249 34.44 8.86 21.23
C ALA B 249 34.50 10.03 22.22
N ALA B 250 33.35 10.38 22.79
CA ALA B 250 33.22 11.60 23.60
C ALA B 250 33.69 11.45 25.06
C1 GOL C . 2.13 -8.81 -12.34
O1 GOL C . 2.96 -7.81 -11.82
C2 GOL C . 2.30 -10.11 -11.56
O2 GOL C . 3.32 -10.05 -10.56
C3 GOL C . 0.94 -10.64 -11.07
O3 GOL C . 1.17 -11.76 -10.23
C1 GOL D . -3.99 1.98 12.33
O1 GOL D . -4.63 2.12 11.08
C2 GOL D . -4.50 0.76 13.11
O2 GOL D . -5.53 0.09 12.42
C3 GOL D . -3.33 -0.16 13.38
O3 GOL D . -3.59 -1.15 14.35
#